data_4HYM
#
_entry.id   4HYM
#
_cell.length_a   44.164
_cell.length_b   130.282
_cell.length_c   80.270
_cell.angle_alpha   90.00
_cell.angle_beta   98.12
_cell.angle_gamma   90.00
#
_symmetry.space_group_name_H-M   'P 1 21 1'
#
loop_
_entity.id
_entity.type
_entity.pdbx_description
1 polymer 'Topoisomerase IV, subunit B'
2 non-polymer 7-({4-[(3R)-3-aminopyrrolidin-1-yl]-5-chloro-6-ethyl-7H-pyrrolo[2,3-d]pyrimidin-2-yl}sulfanyl)pyrido[2,3-b]pyrazin-2(1H)-one
3 water water
#
_entity_poly.entity_id   1
_entity_poly.type   'polypeptide(L)'
_entity_poly.pdbx_seq_one_letter_code
;MQNYNAKSIEVLTGLDPVKKRPGMYTNIENPNHLIQEIIDNSVDEVLAGFASKINITLYEDNSIEVADDGRGMPVDIHPE
HKMSGIELIMTKLHSGGKFSNKNYTHSGGLHGVGVSVVNALSTRLEAEIKRDGNVYHIVFEDGFKTKDLEIIDNVGKKNT
GTKIRFWPNKKYFDDIKVNFKALKNLLEAKAILCKALTIKYSNEIKKEKLTWHFETGLKGYLDHKLEAETLPAEPFIIDN
FSNGDSYLDAVFCWCEDPSESIKNSYVNLIPTPQDGTHVTGLKNGIYDAIKAYIEKNSLSVKNIKITANDSFAQLNYVIS
VKITNPQFAGQTKEKLSNKDVTNFVATAVKDLLTIWLNQNPDEARQIVENISKVAQKRINADLEHHHHHH
;
_entity_poly.pdbx_strand_id   A,B
#
# COMPACT_ATOMS: atom_id res chain seq x y z
N LYS A 7 -0.91 5.18 24.33
CA LYS A 7 -0.18 5.97 25.37
C LYS A 7 0.21 5.13 26.61
N SER A 8 -0.32 3.91 26.75
CA SER A 8 0.21 2.95 27.74
C SER A 8 1.71 2.67 27.53
N ILE A 9 2.12 2.52 26.27
CA ILE A 9 3.53 2.38 25.88
C ILE A 9 3.93 3.57 24.99
N GLU A 10 5.03 4.25 25.36
CA GLU A 10 5.48 5.38 24.58
C GLU A 10 6.92 5.11 24.26
N VAL A 11 7.29 5.28 22.99
CA VAL A 11 8.61 4.86 22.49
C VAL A 11 9.27 6.03 21.73
N LEU A 12 10.56 6.27 21.99
CA LEU A 12 11.39 7.26 21.26
C LEU A 12 12.66 6.58 20.87
N THR A 13 12.97 6.53 19.58
CA THR A 13 14.27 6.05 19.10
C THR A 13 14.96 7.11 18.22
N GLY A 14 16.21 6.84 17.88
CA GLY A 14 16.90 7.58 16.83
C GLY A 14 16.35 7.11 15.49
N LEU A 15 16.97 7.62 14.41
CA LEU A 15 16.43 7.49 13.06
C LEU A 15 17.15 6.43 12.24
N ASP A 16 18.07 5.70 12.89
CA ASP A 16 18.76 4.60 12.17
C ASP A 16 17.81 3.59 11.51
N PRO A 17 16.68 3.22 12.16
CA PRO A 17 15.81 2.26 11.51
C PRO A 17 15.30 2.78 10.16
N VAL A 18 15.09 4.09 10.06
CA VAL A 18 14.59 4.66 8.81
C VAL A 18 15.65 4.62 7.73
N LYS A 19 16.86 5.03 8.09
CA LYS A 19 17.96 5.05 7.15
C LYS A 19 18.33 3.65 6.65
N LYS A 20 18.18 2.64 7.51
CA LYS A 20 18.54 1.29 7.10
C LYS A 20 17.48 0.63 6.21
N ARG A 21 16.20 0.95 6.43
CA ARG A 21 15.14 0.43 5.56
C ARG A 21 14.15 1.52 5.09
N PRO A 22 14.63 2.49 4.27
CA PRO A 22 13.82 3.64 3.84
C PRO A 22 12.54 3.16 3.21
N GLY A 23 12.62 2.04 2.47
CA GLY A 23 11.40 1.43 1.87
C GLY A 23 10.27 1.08 2.84
N MET A 24 10.56 0.96 4.12
CA MET A 24 9.52 0.64 5.09
CA MET A 24 9.54 0.65 5.12
C MET A 24 8.80 1.90 5.58
N TYR A 25 9.36 3.06 5.30
CA TYR A 25 8.86 4.34 5.83
C TYR A 25 8.43 5.30 4.72
N THR A 26 8.84 5.03 3.47
CA THR A 26 8.45 5.89 2.38
C THR A 26 8.43 5.05 1.11
N ASN A 27 7.91 5.63 0.05
CA ASN A 27 7.99 5.02 -1.29
C ASN A 27 9.26 5.57 -1.90
N ILE A 28 10.24 4.72 -2.09
CA ILE A 28 11.55 5.22 -2.52
C ILE A 28 11.70 5.56 -4.03
N GLU A 29 10.60 5.41 -4.77
CA GLU A 29 10.60 5.73 -6.23
C GLU A 29 11.03 7.18 -6.48
N ASN A 30 10.57 8.08 -5.61
CA ASN A 30 10.89 9.49 -5.72
C ASN A 30 10.60 10.11 -4.35
N PRO A 31 10.81 11.44 -4.23
CA PRO A 31 10.53 12.03 -2.92
C PRO A 31 9.07 12.44 -2.67
N ASN A 32 8.12 12.10 -3.55
CA ASN A 32 6.71 12.56 -3.40
C ASN A 32 6.10 12.16 -2.09
N HIS A 33 6.33 10.92 -1.65
CA HIS A 33 5.77 10.50 -0.33
C HIS A 33 6.33 11.31 0.83
N LEU A 34 7.61 11.70 0.78
CA LEU A 34 8.13 12.64 1.78
C LEU A 34 7.34 13.97 1.79
N ILE A 35 7.03 14.47 0.59
CA ILE A 35 6.32 15.74 0.50
C ILE A 35 4.92 15.53 1.14
N GLN A 36 4.29 14.38 0.83
CA GLN A 36 2.99 14.05 1.38
CA GLN A 36 2.98 14.04 1.40
C GLN A 36 3.07 14.09 2.91
N GLU A 37 4.17 13.53 3.48
CA GLU A 37 4.24 13.46 4.96
C GLU A 37 4.26 14.88 5.57
N ILE A 38 5.04 15.80 4.96
CA ILE A 38 5.08 17.14 5.48
C ILE A 38 3.72 17.83 5.31
N ILE A 39 3.12 17.65 4.14
CA ILE A 39 1.77 18.18 3.87
C ILE A 39 0.74 17.66 4.90
N ASP A 40 0.80 16.38 5.25
CA ASP A 40 -0.17 15.82 6.21
C ASP A 40 -0.04 16.47 7.59
N ASN A 41 1.18 16.83 7.94
CA ASN A 41 1.40 17.52 9.21
C ASN A 41 0.83 18.96 9.19
N SER A 42 0.93 19.65 8.05
CA SER A 42 0.25 20.96 7.94
C SER A 42 -1.29 20.78 7.95
N VAL A 43 -1.75 19.75 7.23
CA VAL A 43 -3.20 19.44 7.21
C VAL A 43 -3.76 19.24 8.61
N ASP A 44 -3.00 18.61 9.48
CA ASP A 44 -3.47 18.42 10.83
C ASP A 44 -3.76 19.80 11.51
N GLU A 45 -2.93 20.82 11.28
CA GLU A 45 -3.31 22.19 11.73
C GLU A 45 -4.61 22.73 11.11
N VAL A 46 -4.83 22.48 9.82
CA VAL A 46 -6.05 22.91 9.14
C VAL A 46 -7.26 22.21 9.77
N LEU A 47 -7.16 20.91 10.01
CA LEU A 47 -8.28 20.17 10.59
C LEU A 47 -8.55 20.55 12.06
N ALA A 48 -7.49 20.88 12.79
CA ALA A 48 -7.60 21.46 14.14
C ALA A 48 -8.24 22.87 14.14
N GLY A 49 -8.35 23.50 12.97
CA GLY A 49 -9.05 24.80 12.81
C GLY A 49 -8.14 26.00 12.84
N PHE A 50 -6.83 25.76 12.82
CA PHE A 50 -5.87 26.83 13.03
C PHE A 50 -5.11 27.27 11.81
N ALA A 51 -5.35 26.63 10.67
CA ALA A 51 -4.63 26.92 9.41
C ALA A 51 -5.62 26.92 8.26
N SER A 52 -5.34 27.69 7.23
CA SER A 52 -6.21 27.76 6.04
C SER A 52 -5.41 27.64 4.76
N LYS A 53 -4.07 27.67 4.85
CA LYS A 53 -3.23 27.85 3.66
C LYS A 53 -2.07 26.87 3.71
N ILE A 54 -1.88 26.14 2.64
CA ILE A 54 -0.69 25.31 2.50
C ILE A 54 -0.06 25.65 1.16
N ASN A 55 1.22 26.11 1.22
CA ASN A 55 1.93 26.51 -0.01
C ASN A 55 3.14 25.63 -0.26
N ILE A 56 3.27 25.08 -1.47
CA ILE A 56 4.33 24.13 -1.80
C ILE A 56 5.20 24.77 -2.90
N THR A 57 6.52 24.69 -2.73
CA THR A 57 7.43 25.18 -3.76
C THR A 57 8.41 24.09 -4.13
N LEU A 58 8.54 23.87 -5.43
CA LEU A 58 9.52 22.97 -5.93
C LEU A 58 10.63 23.84 -6.54
N TYR A 59 11.80 23.76 -5.92
CA TYR A 59 12.99 24.51 -6.35
C TYR A 59 13.85 23.80 -7.41
N GLU A 60 14.63 24.57 -8.16
CA GLU A 60 15.45 23.99 -9.23
C GLU A 60 16.55 23.06 -8.71
N ASP A 61 16.94 23.25 -7.46
CA ASP A 61 17.91 22.34 -6.81
C ASP A 61 17.32 20.99 -6.29
N ASN A 62 16.07 20.71 -6.68
CA ASN A 62 15.25 19.52 -6.32
C ASN A 62 14.79 19.46 -4.87
N SER A 63 14.98 20.56 -4.17
CA SER A 63 14.42 20.68 -2.82
C SER A 63 12.94 21.04 -2.87
N ILE A 64 12.28 20.84 -1.72
CA ILE A 64 10.83 21.05 -1.64
C ILE A 64 10.62 21.89 -0.39
N GLU A 65 9.78 22.93 -0.49
CA GLU A 65 9.39 23.69 0.68
C GLU A 65 7.87 23.61 0.84
N VAL A 66 7.41 23.41 2.07
CA VAL A 66 5.97 23.41 2.40
C VAL A 66 5.77 24.44 3.51
N ALA A 67 4.85 25.39 3.32
CA ALA A 67 4.60 26.40 4.33
C ALA A 67 3.11 26.46 4.69
N ASP A 68 2.80 26.68 5.96
CA ASP A 68 1.42 26.84 6.38
C ASP A 68 1.26 28.07 7.28
N ASP A 69 0.02 28.43 7.53
CA ASP A 69 -0.35 29.52 8.45
C ASP A 69 -0.97 29.00 9.76
N GLY A 70 -0.52 27.83 10.22
CA GLY A 70 -0.95 27.25 11.47
C GLY A 70 -0.32 27.94 12.68
N ARG A 71 -0.38 27.27 13.81
CA ARG A 71 0.04 27.89 15.08
C ARG A 71 1.55 28.04 15.17
N GLY A 72 2.28 27.27 14.35
CA GLY A 72 3.75 27.21 14.42
C GLY A 72 4.15 26.04 15.31
N MET A 73 4.99 25.15 14.79
CA MET A 73 5.44 24.00 15.57
C MET A 73 6.01 24.44 16.93
N PRO A 74 5.83 23.61 17.96
CA PRO A 74 6.22 24.08 19.31
C PRO A 74 7.76 24.20 19.47
N VAL A 75 8.18 25.24 20.17
CA VAL A 75 9.60 25.50 20.40
C VAL A 75 10.00 25.32 21.85
N ASP A 76 9.03 25.19 22.75
CA ASP A 76 9.35 25.03 24.18
C ASP A 76 10.28 23.83 24.46
N ILE A 77 11.15 23.99 25.45
CA ILE A 77 12.07 22.94 25.85
C ILE A 77 11.34 21.84 26.62
N HIS A 78 11.45 20.62 26.13
CA HIS A 78 10.84 19.50 26.80
C HIS A 78 11.68 19.16 28.03
N PRO A 79 11.04 19.17 29.22
CA PRO A 79 11.79 19.03 30.49
C PRO A 79 12.64 17.75 30.52
N GLU A 80 12.13 16.67 29.96
CA GLU A 80 12.84 15.40 30.02
C GLU A 80 13.97 15.32 29.01
N HIS A 81 13.66 15.60 27.74
CA HIS A 81 14.62 15.37 26.67
C HIS A 81 15.52 16.56 26.46
N LYS A 82 15.18 17.66 27.15
CA LYS A 82 16.00 18.88 27.22
C LYS A 82 16.33 19.43 25.83
N MET A 83 15.31 19.50 25.00
CA MET A 83 15.44 20.05 23.66
C MET A 83 14.11 20.65 23.27
N SER A 84 14.14 21.61 22.37
CA SER A 84 12.91 22.21 21.88
C SER A 84 11.99 21.15 21.29
N GLY A 85 10.71 21.48 21.21
CA GLY A 85 9.71 20.56 20.65
C GLY A 85 10.06 20.24 19.20
N ILE A 86 10.42 21.25 18.43
CA ILE A 86 10.74 21.03 17.01
C ILE A 86 11.95 20.10 16.85
N GLU A 87 13.00 20.27 17.67
CA GLU A 87 14.13 19.32 17.55
C GLU A 87 13.70 17.88 17.87
N LEU A 88 12.90 17.75 18.91
CA LEU A 88 12.42 16.45 19.37
C LEU A 88 11.56 15.77 18.29
N ILE A 89 10.65 16.53 17.72
CA ILE A 89 9.75 15.99 16.69
C ILE A 89 10.56 15.57 15.47
N MET A 90 11.58 16.37 15.15
CA MET A 90 12.37 16.15 13.90
C MET A 90 13.45 15.08 13.98
N THR A 91 13.99 14.82 15.17
CA THR A 91 15.24 14.04 15.28
C THR A 91 15.02 12.65 15.93
N LYS A 92 13.77 12.31 16.27
CA LYS A 92 13.44 11.07 16.96
C LYS A 92 12.23 10.41 16.31
N LEU A 93 12.20 9.09 16.24
CA LEU A 93 10.97 8.35 15.85
C LEU A 93 10.10 8.19 17.06
N HIS A 94 8.88 8.71 17.00
CA HIS A 94 7.92 8.64 18.10
C HIS A 94 6.87 7.61 17.75
N SER A 95 6.57 6.74 18.70
CA SER A 95 5.49 5.77 18.55
C SER A 95 4.94 5.42 19.93
N GLY A 96 3.71 4.94 19.95
CA GLY A 96 3.17 4.36 21.16
C GLY A 96 2.01 3.46 20.80
N GLY A 97 1.38 2.90 21.82
CA GLY A 97 0.19 2.09 21.60
C GLY A 97 -0.33 1.53 22.90
N LYS A 98 -1.28 0.61 22.79
CA LYS A 98 -1.90 0.04 23.98
C LYS A 98 -1.10 -1.15 24.52
N PHE A 99 -0.65 -2.02 23.63
CA PHE A 99 0.11 -3.22 23.97
C PHE A 99 1.12 -3.41 22.86
N SER A 100 2.26 -4.01 23.16
CA SER A 100 3.27 -4.24 22.12
C SER A 100 2.70 -5.17 21.06
N ASN A 101 3.10 -4.97 19.81
CA ASN A 101 2.55 -5.78 18.72
C ASN A 101 3.60 -6.53 17.90
N GLY A 108 7.76 -0.23 10.18
CA GLY A 108 7.44 1.21 10.09
C GLY A 108 6.04 1.43 9.54
N GLY A 109 5.94 1.78 8.27
CA GLY A 109 4.65 2.11 7.65
C GLY A 109 4.69 3.48 7.00
N LEU A 110 3.73 3.74 6.12
CA LEU A 110 3.75 4.93 5.29
C LEU A 110 3.01 6.09 5.92
N HIS A 111 2.33 5.85 7.05
CA HIS A 111 1.57 6.92 7.75
C HIS A 111 1.59 6.64 9.20
N GLY A 112 1.34 7.67 9.99
CA GLY A 112 1.37 7.59 11.44
C GLY A 112 2.74 7.47 12.08
N VAL A 113 3.82 7.59 11.28
CA VAL A 113 5.21 7.57 11.83
C VAL A 113 5.69 8.98 12.20
N GLY A 114 5.59 9.91 11.27
CA GLY A 114 5.90 11.32 11.56
C GLY A 114 6.95 11.95 10.67
N VAL A 115 7.13 13.26 10.83
CA VAL A 115 7.99 14.04 9.97
C VAL A 115 9.46 13.79 10.14
N SER A 116 9.86 13.16 11.24
CA SER A 116 11.27 12.75 11.39
C SER A 116 11.74 11.82 10.26
N VAL A 117 10.82 11.06 9.70
CA VAL A 117 11.14 10.26 8.49
C VAL A 117 11.73 11.13 7.36
N VAL A 118 11.07 12.25 7.07
CA VAL A 118 11.55 13.21 6.07
C VAL A 118 12.95 13.73 6.46
N ASN A 119 13.11 14.09 7.71
CA ASN A 119 14.42 14.51 8.27
C ASN A 119 15.52 13.46 8.11
N ALA A 120 15.23 12.23 8.54
CA ALA A 120 16.17 11.10 8.33
C ALA A 120 16.66 10.98 6.88
N LEU A 121 15.76 11.14 5.92
CA LEU A 121 16.06 10.79 4.54
C LEU A 121 16.47 12.00 3.70
N SER A 122 16.79 13.10 4.37
CA SER A 122 17.22 14.32 3.73
C SER A 122 18.63 14.66 4.15
N THR A 123 19.41 15.13 3.17
CA THR A 123 20.73 15.69 3.44
C THR A 123 20.68 16.97 4.24
N ARG A 124 19.61 17.75 4.11
CA ARG A 124 19.47 18.99 4.83
C ARG A 124 17.97 19.22 4.99
N LEU A 125 17.60 19.77 6.14
CA LEU A 125 16.24 20.24 6.33
C LEU A 125 16.32 21.48 7.18
N GLU A 126 15.62 22.51 6.75
CA GLU A 126 15.51 23.77 7.50
C GLU A 126 14.07 23.97 7.87
N ALA A 127 13.83 24.51 9.07
CA ALA A 127 12.49 24.83 9.53
C ALA A 127 12.48 26.28 10.04
N GLU A 128 11.49 27.04 9.60
CA GLU A 128 11.27 28.39 10.11
C GLU A 128 9.89 28.42 10.77
N ILE A 129 9.81 28.86 12.01
CA ILE A 129 8.57 28.80 12.75
C ILE A 129 8.29 30.22 13.18
N LYS A 130 7.08 30.67 12.86
CA LYS A 130 6.62 31.99 13.36
C LYS A 130 5.62 31.72 14.44
N ARG A 131 5.95 32.17 15.64
CA ARG A 131 5.13 31.90 16.82
C ARG A 131 5.45 32.93 17.90
N ASP A 132 4.41 33.43 18.57
CA ASP A 132 4.57 34.37 19.69
C ASP A 132 5.34 35.64 19.31
N GLY A 133 5.20 36.07 18.05
CA GLY A 133 5.92 37.24 17.51
C GLY A 133 7.39 37.00 17.21
N ASN A 134 7.87 35.76 17.33
CA ASN A 134 9.25 35.43 16.97
C ASN A 134 9.34 34.60 15.69
N VAL A 135 10.39 34.81 14.92
CA VAL A 135 10.69 33.90 13.80
C VAL A 135 11.88 33.03 14.22
N TYR A 136 11.64 31.73 14.38
CA TYR A 136 12.66 30.79 14.84
C TYR A 136 13.21 30.09 13.63
N HIS A 137 14.48 29.77 13.67
CA HIS A 137 15.11 29.04 12.59
C HIS A 137 15.95 27.92 13.15
N ILE A 138 15.93 26.77 12.49
CA ILE A 138 16.71 25.58 12.94
C ILE A 138 17.11 24.78 11.68
N VAL A 139 18.29 24.17 11.69
CA VAL A 139 18.81 23.40 10.54
C VAL A 139 19.19 22.01 11.00
N PHE A 140 18.94 21.02 10.16
CA PHE A 140 19.34 19.65 10.39
C PHE A 140 20.05 19.19 9.15
N GLU A 141 20.93 18.20 9.31
CA GLU A 141 21.54 17.50 8.18
C GLU A 141 21.53 16.02 8.53
N ASP A 142 21.05 15.19 7.59
CA ASP A 142 20.95 13.75 7.76
C ASP A 142 20.30 13.36 9.09
N GLY A 143 19.30 14.13 9.55
CA GLY A 143 18.51 13.73 10.73
C GLY A 143 19.02 14.25 12.08
N PHE A 144 20.12 14.99 12.04
CA PHE A 144 20.74 15.62 13.23
C PHE A 144 20.75 17.13 13.15
N LYS A 145 20.54 17.80 14.28
CA LYS A 145 20.55 19.24 14.32
C LYS A 145 21.98 19.72 14.08
N THR A 146 22.15 20.72 13.21
CA THR A 146 23.47 21.27 12.84
C THR A 146 23.53 22.75 13.13
N LYS A 147 22.38 23.39 13.27
CA LYS A 147 22.32 24.78 13.69
CA LYS A 147 22.32 24.77 13.69
C LYS A 147 21.24 24.91 14.75
N ASP A 148 21.65 25.39 15.93
CA ASP A 148 20.72 25.64 17.03
C ASP A 148 19.52 26.50 16.66
N LEU A 149 18.39 26.16 17.29
CA LEU A 149 17.18 26.96 17.20
C LEU A 149 17.51 28.39 17.65
N GLU A 150 17.28 29.36 16.77
CA GLU A 150 17.45 30.75 17.18
C GLU A 150 16.38 31.67 16.64
N ILE A 151 16.15 32.76 17.36
CA ILE A 151 15.24 33.80 16.88
C ILE A 151 16.00 34.71 15.91
N ILE A 152 15.52 34.78 14.68
CA ILE A 152 16.26 35.52 13.64
C ILE A 152 15.53 36.81 13.20
N ASP A 153 14.27 36.96 13.60
CA ASP A 153 13.47 38.13 13.23
C ASP A 153 12.25 38.17 14.16
N ASN A 154 11.51 39.25 14.11
CA ASN A 154 10.25 39.35 14.85
C ASN A 154 9.12 39.63 13.88
N VAL A 155 7.90 39.39 14.34
CA VAL A 155 6.76 39.40 13.47
C VAL A 155 5.55 39.79 14.35
N GLY A 156 4.42 40.18 13.77
CA GLY A 156 3.19 40.34 14.53
C GLY A 156 2.79 39.08 15.28
N LYS A 157 2.20 39.23 16.48
CA LYS A 157 1.80 38.05 17.28
C LYS A 157 0.85 37.09 16.53
N LYS A 158 0.05 37.63 15.61
CA LYS A 158 -0.94 36.83 14.89
C LYS A 158 -0.37 36.32 13.55
N ASN A 159 0.87 36.66 13.25
CA ASN A 159 1.51 36.16 12.05
C ASN A 159 2.24 34.85 12.42
N THR A 160 1.56 33.74 12.16
CA THR A 160 2.02 32.42 12.62
C THR A 160 2.16 31.42 11.49
N GLY A 161 2.95 30.39 11.74
CA GLY A 161 3.04 29.28 10.81
C GLY A 161 4.34 28.53 10.88
N THR A 162 4.43 27.53 10.02
CA THR A 162 5.61 26.67 9.92
C THR A 162 5.98 26.53 8.45
N LYS A 163 7.28 26.68 8.16
CA LYS A 163 7.81 26.47 6.81
C LYS A 163 9.00 25.51 6.93
N ILE A 164 8.95 24.43 6.16
CA ILE A 164 9.96 23.41 6.13
C ILE A 164 10.48 23.25 4.70
N ARG A 165 11.79 23.39 4.52
CA ARG A 165 12.39 23.12 3.21
C ARG A 165 13.35 21.95 3.36
N PHE A 166 13.30 20.99 2.45
CA PHE A 166 14.13 19.79 2.60
C PHE A 166 14.75 19.32 1.28
N TRP A 167 15.92 18.72 1.42
CA TRP A 167 16.70 18.25 0.28
C TRP A 167 16.83 16.75 0.42
N PRO A 168 15.98 15.99 -0.29
CA PRO A 168 16.06 14.54 -0.18
C PRO A 168 17.45 13.99 -0.55
N ASN A 169 17.87 12.98 0.20
CA ASN A 169 19.18 12.35 0.04
C ASN A 169 19.12 11.26 -1.03
N LYS A 170 19.82 11.51 -2.14
CA LYS A 170 19.86 10.55 -3.25
C LYS A 170 20.24 9.11 -2.87
N LYS A 171 21.02 8.93 -1.80
CA LYS A 171 21.34 7.56 -1.29
C LYS A 171 20.13 6.65 -1.13
N TYR A 172 18.97 7.23 -0.84
CA TYR A 172 17.83 6.45 -0.46
C TYR A 172 16.75 6.35 -1.52
N PHE A 173 16.90 7.08 -2.64
CA PHE A 173 15.82 7.14 -3.65
C PHE A 173 16.26 6.70 -5.05
N ASP A 174 15.33 6.11 -5.80
CA ASP A 174 15.57 5.77 -7.21
C ASP A 174 15.76 7.03 -8.05
N ASP A 175 14.98 8.06 -7.73
CA ASP A 175 15.04 9.32 -8.43
C ASP A 175 14.77 10.41 -7.41
N ILE A 176 15.62 11.43 -7.34
CA ILE A 176 15.31 12.55 -6.44
C ILE A 176 14.50 13.63 -7.13
N LYS A 177 14.16 13.41 -8.42
CA LYS A 177 13.27 14.33 -9.08
C LYS A 177 11.82 14.12 -8.65
N VAL A 178 11.17 15.20 -8.26
CA VAL A 178 9.76 15.12 -7.83
C VAL A 178 8.88 14.82 -9.02
N ASN A 179 7.90 13.92 -8.86
CA ASN A 179 6.94 13.64 -9.93
C ASN A 179 5.85 14.71 -9.88
N PHE A 180 5.92 15.69 -10.77
CA PHE A 180 5.02 16.87 -10.74
C PHE A 180 3.58 16.50 -10.84
N LYS A 181 3.25 15.64 -11.81
CA LYS A 181 1.87 15.28 -12.09
C LYS A 181 1.23 14.53 -10.91
N ALA A 182 1.99 13.64 -10.28
CA ALA A 182 1.47 12.91 -9.13
C ALA A 182 1.24 13.87 -7.95
N LEU A 183 2.12 14.85 -7.78
CA LEU A 183 1.94 15.79 -6.69
C LEU A 183 0.71 16.67 -6.93
N LYS A 184 0.55 17.17 -8.16
CA LYS A 184 -0.59 18.00 -8.47
C LYS A 184 -1.89 17.24 -8.23
N ASN A 185 -1.91 15.98 -8.62
CA ASN A 185 -3.09 15.13 -8.37
C ASN A 185 -3.38 14.96 -6.89
N LEU A 186 -2.34 14.80 -6.06
CA LEU A 186 -2.54 14.63 -4.64
C LEU A 186 -3.09 15.92 -4.00
N LEU A 187 -2.54 17.05 -4.43
CA LEU A 187 -2.97 18.31 -3.89
C LEU A 187 -4.43 18.62 -4.29
N GLU A 188 -4.80 18.36 -5.54
CA GLU A 188 -6.19 18.58 -5.96
C GLU A 188 -7.11 17.80 -5.04
N ALA A 189 -6.74 16.53 -4.80
CA ALA A 189 -7.55 15.65 -4.00
C ALA A 189 -7.78 16.23 -2.63
N LYS A 190 -6.69 16.67 -1.98
CA LYS A 190 -6.82 17.24 -0.65
C LYS A 190 -7.68 18.50 -0.63
N ALA A 191 -7.53 19.35 -1.63
CA ALA A 191 -8.32 20.59 -1.65
C ALA A 191 -9.82 20.26 -1.83
N ILE A 192 -10.15 19.32 -2.72
CA ILE A 192 -11.59 18.86 -2.91
C ILE A 192 -12.23 18.46 -1.56
N LEU A 193 -11.44 17.83 -0.69
CA LEU A 193 -11.98 17.30 0.59
C LEU A 193 -12.01 18.28 1.77
N CYS A 194 -11.62 19.53 1.55
CA CYS A 194 -11.46 20.49 2.68
C CYS A 194 -11.69 21.90 2.19
N LYS A 195 -12.92 22.39 2.29
CA LYS A 195 -13.23 23.73 1.80
C LYS A 195 -12.60 24.84 2.68
N ALA A 196 -12.14 24.51 3.88
CA ALA A 196 -11.43 25.51 4.66
C ALA A 196 -10.03 25.81 4.08
N LEU A 197 -9.57 25.02 3.11
CA LEU A 197 -8.17 25.04 2.73
C LEU A 197 -7.94 25.63 1.36
N THR A 198 -6.89 26.44 1.21
CA THR A 198 -6.44 26.84 -0.08
C THR A 198 -5.00 26.35 -0.23
N ILE A 199 -4.71 25.69 -1.35
CA ILE A 199 -3.38 25.11 -1.59
C ILE A 199 -2.75 25.85 -2.78
N LYS A 200 -1.51 26.29 -2.63
CA LYS A 200 -0.79 26.84 -3.75
C LYS A 200 0.46 26.00 -4.00
N TYR A 201 0.85 25.92 -5.28
CA TYR A 201 1.99 25.15 -5.75
C TYR A 201 2.75 26.07 -6.71
N SER A 202 4.06 26.16 -6.54
CA SER A 202 4.94 26.88 -7.45
C SER A 202 6.05 25.90 -7.84
N ASN A 203 6.11 25.59 -9.14
CA ASN A 203 7.13 24.74 -9.66
C ASN A 203 8.15 25.64 -10.38
N GLU A 204 9.28 25.89 -9.72
CA GLU A 204 10.28 26.77 -10.31
C GLU A 204 11.06 26.08 -11.43
N ILE A 205 10.87 24.78 -11.61
CA ILE A 205 11.53 24.03 -12.66
C ILE A 205 10.78 24.31 -13.96
N LYS A 206 9.46 24.14 -13.90
CA LYS A 206 8.62 24.26 -15.09
C LYS A 206 8.12 25.68 -15.27
N LYS A 207 8.27 26.52 -14.24
CA LYS A 207 7.70 27.88 -14.23
C LYS A 207 6.19 27.83 -14.28
N GLU A 208 5.62 27.06 -13.36
CA GLU A 208 4.17 27.06 -13.24
C GLU A 208 3.67 27.27 -11.80
N LYS A 209 2.43 27.78 -11.67
CA LYS A 209 1.78 28.03 -10.39
C LYS A 209 0.35 27.62 -10.54
N LEU A 210 -0.14 26.92 -9.51
CA LEU A 210 -1.51 26.53 -9.42
C LEU A 210 -2.03 26.91 -8.07
N THR A 211 -3.33 27.22 -7.98
CA THR A 211 -3.99 27.38 -6.73
C THR A 211 -5.28 26.55 -6.80
N TRP A 212 -5.53 25.74 -5.78
CA TRP A 212 -6.80 25.00 -5.58
C TRP A 212 -7.56 25.49 -4.38
N HIS A 213 -8.87 25.66 -4.55
CA HIS A 213 -9.75 25.95 -3.44
C HIS A 213 -11.14 25.58 -3.90
N PHE A 214 -11.74 24.60 -3.21
CA PHE A 214 -13.04 24.05 -3.60
C PHE A 214 -14.11 24.50 -2.63
N GLU A 215 -14.74 25.62 -2.96
CA GLU A 215 -15.81 26.17 -2.15
C GLU A 215 -16.93 25.14 -2.05
N THR A 216 -17.16 24.38 -3.12
CA THR A 216 -18.23 23.40 -3.15
C THR A 216 -17.76 21.99 -2.85
N GLY A 217 -16.48 21.84 -2.47
CA GLY A 217 -16.03 20.52 -2.01
C GLY A 217 -16.20 19.45 -3.06
N LEU A 218 -16.92 18.36 -2.71
CA LEU A 218 -17.06 17.19 -3.56
C LEU A 218 -18.17 17.31 -4.63
N LYS A 219 -19.05 18.28 -4.45
CA LYS A 219 -20.13 18.53 -5.41
C LYS A 219 -19.61 18.56 -6.84
N GLY A 220 -20.10 17.62 -7.66
CA GLY A 220 -19.82 17.57 -9.10
C GLY A 220 -18.65 16.67 -9.44
N TYR A 221 -17.92 16.21 -8.41
CA TYR A 221 -16.76 15.38 -8.67
C TYR A 221 -17.09 14.07 -9.35
N LEU A 222 -18.03 13.34 -8.76
CA LEU A 222 -18.39 12.06 -9.32
C LEU A 222 -18.99 12.19 -10.73
N ASP A 223 -19.79 13.24 -10.92
CA ASP A 223 -20.41 13.57 -12.21
C ASP A 223 -19.31 13.74 -13.27
N HIS A 224 -18.23 14.41 -12.89
CA HIS A 224 -17.09 14.67 -13.78
C HIS A 224 -16.37 13.40 -14.12
N LYS A 225 -16.16 12.53 -13.14
CA LYS A 225 -15.34 11.34 -13.34
C LYS A 225 -16.08 10.19 -14.00
N LEU A 226 -17.40 10.18 -13.84
CA LEU A 226 -18.20 9.07 -14.32
C LEU A 226 -19.00 9.46 -15.56
N GLU A 227 -20.11 10.13 -15.35
CA GLU A 227 -21.13 10.35 -16.39
C GLU A 227 -20.75 9.85 -17.79
N ALA A 228 -21.20 8.67 -18.24
CA ALA A 228 -22.14 7.67 -17.65
C ALA A 228 -23.22 8.01 -16.60
N GLU A 229 -24.37 7.35 -16.79
CA GLU A 229 -25.55 7.50 -15.97
C GLU A 229 -25.35 6.86 -14.61
N THR A 230 -25.85 7.53 -13.58
CA THR A 230 -25.69 7.07 -12.22
C THR A 230 -27.04 7.10 -11.55
N LEU A 231 -27.17 6.30 -10.50
CA LEU A 231 -28.32 6.38 -9.62
C LEU A 231 -27.81 6.66 -8.21
N PRO A 232 -28.31 7.72 -7.58
CA PRO A 232 -29.16 8.80 -8.08
C PRO A 232 -28.46 9.50 -9.24
N ALA A 233 -29.24 10.13 -10.12
CA ALA A 233 -28.69 10.94 -11.23
C ALA A 233 -27.76 12.03 -10.69
N GLU A 234 -28.14 12.59 -9.56
CA GLU A 234 -27.30 13.50 -8.79
C GLU A 234 -26.66 12.70 -7.67
N PRO A 235 -25.35 12.40 -7.77
CA PRO A 235 -24.76 11.58 -6.70
C PRO A 235 -25.08 12.11 -5.28
N PHE A 236 -25.29 11.19 -4.36
CA PHE A 236 -25.79 11.56 -3.04
C PHE A 236 -24.65 12.07 -2.21
N ILE A 237 -24.83 13.23 -1.57
CA ILE A 237 -23.73 13.86 -0.82
C ILE A 237 -24.08 13.82 0.65
N ILE A 238 -23.13 13.42 1.47
CA ILE A 238 -23.17 13.70 2.90
C ILE A 238 -22.19 14.85 3.12
N ASP A 239 -22.71 15.97 3.62
CA ASP A 239 -21.96 17.21 3.72
C ASP A 239 -21.64 17.53 5.20
N ASN A 240 -20.38 17.42 5.56
CA ASN A 240 -19.91 17.78 6.91
C ASN A 240 -20.71 17.22 8.09
N PHE A 241 -21.08 15.93 8.07
CA PHE A 241 -21.79 15.35 9.20
C PHE A 241 -20.84 15.26 10.41
N SER A 242 -21.29 15.64 11.61
CA SER A 242 -20.41 15.53 12.77
C SER A 242 -21.14 15.04 14.01
N ASN A 243 -20.42 14.38 14.89
CA ASN A 243 -21.00 13.93 16.13
C ASN A 243 -20.46 14.73 17.29
N GLY A 244 -19.86 15.86 16.97
CA GLY A 244 -19.03 16.60 17.90
C GLY A 244 -17.63 16.73 17.32
N ASP A 245 -16.76 15.78 17.61
CA ASP A 245 -15.35 15.91 17.26
C ASP A 245 -14.91 15.12 16.02
N SER A 246 -15.77 14.23 15.50
CA SER A 246 -15.48 13.49 14.28
C SER A 246 -16.36 14.00 13.17
N TYR A 247 -15.85 13.98 11.94
CA TYR A 247 -16.55 14.55 10.81
C TYR A 247 -16.50 13.59 9.62
N LEU A 248 -17.55 13.63 8.82
CA LEU A 248 -17.70 12.76 7.66
C LEU A 248 -18.18 13.55 6.46
N ASP A 249 -17.43 13.43 5.38
CA ASP A 249 -17.85 13.90 4.08
C ASP A 249 -17.86 12.69 3.16
N ALA A 250 -18.88 12.59 2.29
CA ALA A 250 -18.97 11.46 1.35
C ALA A 250 -19.84 11.82 0.18
N VAL A 251 -19.59 11.16 -0.93
CA VAL A 251 -20.44 11.21 -2.11
C VAL A 251 -20.49 9.80 -2.65
N PHE A 252 -21.69 9.35 -3.01
CA PHE A 252 -21.80 8.04 -3.61
C PHE A 252 -22.97 7.88 -4.57
N CYS A 253 -22.85 6.87 -5.44
CA CYS A 253 -23.91 6.56 -6.42
C CYS A 253 -23.62 5.20 -6.97
N TRP A 254 -24.63 4.60 -7.60
CA TRP A 254 -24.46 3.34 -8.27
C TRP A 254 -24.29 3.58 -9.74
N CYS A 255 -23.55 2.69 -10.39
CA CYS A 255 -23.31 2.85 -11.81
C CYS A 255 -23.14 1.47 -12.40
N GLU A 256 -23.80 1.22 -13.52
CA GLU A 256 -23.80 -0.11 -14.15
C GLU A 256 -22.69 -0.27 -15.19
N ASP A 257 -22.21 0.86 -15.70
CA ASP A 257 -20.99 0.92 -16.52
C ASP A 257 -19.76 0.79 -15.62
N PRO A 258 -19.05 -0.35 -15.70
CA PRO A 258 -17.93 -0.59 -14.79
C PRO A 258 -16.59 -0.11 -15.35
N SER A 259 -16.63 0.63 -16.45
CA SER A 259 -15.42 1.12 -17.15
C SER A 259 -14.63 2.05 -16.24
N GLU A 260 -15.35 2.98 -15.61
CA GLU A 260 -14.77 3.86 -14.62
C GLU A 260 -15.36 3.46 -13.27
N SER A 261 -14.49 3.19 -12.32
CA SER A 261 -14.86 2.87 -10.96
C SER A 261 -14.09 3.81 -10.05
N ILE A 262 -14.80 4.53 -9.18
CA ILE A 262 -14.15 5.40 -8.19
C ILE A 262 -14.57 4.85 -6.85
N LYS A 263 -13.57 4.47 -6.05
CA LYS A 263 -13.83 3.93 -4.71
C LYS A 263 -12.71 4.43 -3.81
N ASN A 264 -12.76 5.70 -3.44
CA ASN A 264 -11.63 6.30 -2.74
C ASN A 264 -11.99 6.67 -1.33
N SER A 265 -11.05 6.46 -0.41
CA SER A 265 -11.29 6.72 1.01
C SER A 265 -10.12 7.45 1.61
N TYR A 266 -10.37 8.22 2.68
CA TYR A 266 -9.35 9.06 3.29
C TYR A 266 -9.66 9.23 4.75
N VAL A 267 -8.60 9.53 5.52
CA VAL A 267 -8.72 9.93 6.93
C VAL A 267 -7.84 11.17 7.07
N ASN A 268 -8.40 12.26 7.60
CA ASN A 268 -7.59 13.51 7.70
C ASN A 268 -6.88 13.88 6.39
N LEU A 269 -7.61 13.67 5.29
CA LEU A 269 -7.18 13.97 3.90
C LEU A 269 -6.05 13.07 3.39
N ILE A 270 -5.71 12.07 4.18
CA ILE A 270 -4.72 11.04 3.79
C ILE A 270 -5.42 9.88 3.10
N PRO A 271 -5.04 9.60 1.83
CA PRO A 271 -5.64 8.48 1.14
C PRO A 271 -5.33 7.19 1.85
N THR A 272 -6.34 6.33 1.96
CA THR A 272 -6.16 5.05 2.63
C THR A 272 -6.41 3.95 1.59
N PRO A 273 -5.38 3.61 0.81
CA PRO A 273 -5.63 2.62 -0.26
C PRO A 273 -5.90 1.22 0.26
N GLN A 274 -5.67 0.97 1.54
CA GLN A 274 -6.10 -0.32 2.08
C GLN A 274 -7.40 -0.17 2.89
N ASP A 275 -8.15 0.90 2.64
CA ASP A 275 -9.49 1.07 3.23
C ASP A 275 -9.51 1.04 4.75
N GLY A 276 -10.45 0.32 5.36
CA GLY A 276 -10.52 0.33 6.81
C GLY A 276 -11.89 0.59 7.41
N THR A 277 -11.90 1.06 8.65
CA THR A 277 -13.14 1.15 9.43
C THR A 277 -14.16 2.16 8.86
N HIS A 278 -13.69 3.21 8.18
CA HIS A 278 -14.59 4.12 7.45
C HIS A 278 -15.27 3.46 6.25
N VAL A 279 -14.49 2.78 5.41
CA VAL A 279 -15.06 2.04 4.29
C VAL A 279 -16.07 0.93 4.74
N THR A 280 -15.71 0.16 5.75
CA THR A 280 -16.69 -0.80 6.32
C THR A 280 -17.95 -0.10 6.86
N GLY A 281 -17.78 1.02 7.56
CA GLY A 281 -18.91 1.85 8.00
C GLY A 281 -19.82 2.23 6.83
N LEU A 282 -19.21 2.61 5.70
CA LEU A 282 -20.01 3.02 4.55
C LEU A 282 -20.81 1.84 4.01
N LYS A 283 -20.09 0.75 3.77
CA LYS A 283 -20.72 -0.46 3.27
C LYS A 283 -21.90 -0.90 4.17
N ASN A 284 -21.67 -0.90 5.49
CA ASN A 284 -22.71 -1.30 6.43
C ASN A 284 -23.94 -0.37 6.46
N GLY A 285 -23.67 0.94 6.48
CA GLY A 285 -24.73 1.96 6.51
C GLY A 285 -25.58 1.90 5.25
N ILE A 286 -24.95 1.73 4.09
CA ILE A 286 -25.66 1.58 2.83
C ILE A 286 -26.61 0.37 2.91
N TYR A 287 -26.06 -0.77 3.30
CA TYR A 287 -26.83 -2.00 3.39
C TYR A 287 -27.96 -1.88 4.38
N ASP A 288 -27.69 -1.27 5.54
CA ASP A 288 -28.75 -1.05 6.53
C ASP A 288 -29.88 -0.20 5.95
N ALA A 289 -29.54 0.86 5.21
CA ALA A 289 -30.57 1.73 4.61
C ALA A 289 -31.38 0.96 3.54
N ILE A 290 -30.71 0.18 2.70
CA ILE A 290 -31.34 -0.56 1.60
C ILE A 290 -32.27 -1.65 2.18
N LYS A 291 -31.75 -2.42 3.13
CA LYS A 291 -32.54 -3.46 3.79
C LYS A 291 -33.79 -2.89 4.44
N ALA A 292 -33.63 -1.77 5.16
CA ALA A 292 -34.79 -1.14 5.84
C ALA A 292 -35.86 -0.57 4.88
N TYR A 293 -35.40 0.01 3.76
CA TYR A 293 -36.28 0.51 2.72
C TYR A 293 -37.08 -0.63 2.08
N ILE A 294 -36.41 -1.73 1.71
CA ILE A 294 -37.08 -2.91 1.13
C ILE A 294 -38.16 -3.45 2.06
N GLU A 295 -37.82 -3.63 3.33
CA GLU A 295 -38.73 -4.15 4.34
C GLU A 295 -39.92 -3.22 4.61
N LYS A 296 -39.62 -1.94 4.78
CA LYS A 296 -40.60 -0.88 5.03
C LYS A 296 -41.66 -0.74 3.91
N ASN A 297 -41.27 -1.15 2.70
CA ASN A 297 -42.10 -0.96 1.51
C ASN A 297 -42.63 -2.20 0.79
N SER A 298 -42.18 -3.40 1.18
CA SER A 298 -42.65 -4.63 0.52
C SER A 298 -43.20 -5.64 1.54
N ASN A 303 -37.99 -9.70 -0.70
CA ASN A 303 -38.07 -10.87 -1.59
C ASN A 303 -36.82 -11.76 -1.57
N ILE A 304 -35.71 -11.24 -2.07
CA ILE A 304 -34.47 -12.01 -2.25
C ILE A 304 -33.59 -11.94 -0.98
N LYS A 305 -32.47 -12.64 -0.99
CA LYS A 305 -31.55 -12.66 0.15
C LYS A 305 -30.38 -11.71 -0.11
N ILE A 306 -30.68 -10.41 -0.24
CA ILE A 306 -29.65 -9.38 -0.52
C ILE A 306 -28.60 -9.26 0.60
N THR A 307 -27.34 -9.15 0.21
CA THR A 307 -26.24 -8.98 1.19
C THR A 307 -25.59 -7.60 1.08
N ALA A 308 -24.80 -7.23 2.09
CA ALA A 308 -24.04 -5.96 2.04
C ALA A 308 -23.07 -5.91 0.85
N ASN A 309 -22.60 -7.08 0.43
CA ASN A 309 -21.78 -7.16 -0.78
C ASN A 309 -22.57 -6.75 -2.00
N ASP A 310 -23.82 -7.19 -2.10
CA ASP A 310 -24.64 -6.86 -3.25
C ASP A 310 -24.91 -5.36 -3.32
N SER A 311 -25.27 -4.75 -2.19
CA SER A 311 -25.58 -3.31 -2.21
C SER A 311 -24.34 -2.45 -2.44
N PHE A 312 -23.16 -3.03 -2.22
CA PHE A 312 -21.86 -2.30 -2.41
C PHE A 312 -21.24 -2.54 -3.80
N ALA A 313 -21.70 -3.57 -4.50
CA ALA A 313 -21.02 -4.03 -5.72
C ALA A 313 -20.87 -2.99 -6.83
N GLN A 314 -21.91 -2.19 -7.10
CA GLN A 314 -21.85 -1.19 -8.16
C GLN A 314 -21.71 0.23 -7.59
N LEU A 315 -21.30 0.32 -6.33
CA LEU A 315 -21.22 1.60 -5.65
C LEU A 315 -19.93 2.28 -6.10
N ASN A 316 -20.01 3.55 -6.49
CA ASN A 316 -18.82 4.41 -6.63
C ASN A 316 -18.92 5.43 -5.54
N TYR A 317 -17.80 5.76 -4.90
CA TYR A 317 -17.87 6.63 -3.74
C TYR A 317 -16.57 7.33 -3.50
N VAL A 318 -16.67 8.42 -2.74
CA VAL A 318 -15.52 9.00 -2.09
C VAL A 318 -15.98 9.14 -0.64
N ILE A 319 -15.15 8.71 0.29
CA ILE A 319 -15.45 8.87 1.73
C ILE A 319 -14.23 9.46 2.45
N SER A 320 -14.48 10.51 3.22
CA SER A 320 -13.43 11.25 3.90
C SER A 320 -13.87 11.47 5.34
N VAL A 321 -13.15 10.89 6.29
CA VAL A 321 -13.42 11.15 7.71
C VAL A 321 -12.29 12.02 8.29
N LYS A 322 -12.66 12.88 9.23
CA LYS A 322 -11.67 13.68 9.96
C LYS A 322 -11.86 13.34 11.42
N ILE A 323 -10.82 12.82 12.06
CA ILE A 323 -10.88 12.31 13.43
C ILE A 323 -9.60 12.77 14.14
N THR A 324 -9.58 12.72 15.47
CA THR A 324 -8.45 13.39 16.18
C THR A 324 -7.08 12.66 16.30
N ASN A 325 -7.15 11.35 16.49
CA ASN A 325 -5.97 10.51 16.67
C ASN A 325 -6.08 9.25 15.78
N PRO A 326 -5.92 9.44 14.45
CA PRO A 326 -6.06 8.31 13.54
C PRO A 326 -5.08 7.22 13.84
N GLN A 327 -5.54 5.99 13.73
CA GLN A 327 -4.70 4.84 13.91
C GLN A 327 -4.68 4.10 12.59
N PHE A 328 -3.49 3.63 12.22
CA PHE A 328 -3.29 2.95 10.94
C PHE A 328 -2.90 1.52 11.22
N ALA A 329 -3.27 0.64 10.33
CA ALA A 329 -2.95 -0.78 10.47
C ALA A 329 -2.42 -1.36 9.16
N GLY A 330 -1.93 -2.60 9.26
CA GLY A 330 -1.30 -3.30 8.15
C GLY A 330 0.16 -2.91 8.12
N GLN A 331 0.98 -3.75 7.50
CA GLN A 331 2.43 -3.53 7.35
C GLN A 331 2.75 -2.13 6.83
N THR A 332 2.00 -1.69 5.82
CA THR A 332 2.24 -0.38 5.21
C THR A 332 1.49 0.79 5.85
N LYS A 333 0.64 0.50 6.84
CA LYS A 333 -0.10 1.55 7.56
C LYS A 333 -0.95 2.39 6.60
N GLU A 334 -1.68 1.70 5.71
CA GLU A 334 -2.53 2.35 4.70
C GLU A 334 -4.03 2.03 4.93
N LYS A 335 -4.35 1.42 6.07
CA LYS A 335 -5.71 1.04 6.42
C LYS A 335 -6.04 1.79 7.69
N LEU A 336 -7.20 2.44 7.72
CA LEU A 336 -7.67 3.07 8.97
C LEU A 336 -8.22 1.99 9.94
N SER A 337 -7.82 2.03 11.19
CA SER A 337 -8.22 0.97 12.11
C SER A 337 -9.07 1.43 13.30
N ASN A 338 -9.27 2.74 13.47
CA ASN A 338 -10.00 3.24 14.66
C ASN A 338 -11.37 2.56 14.74
N LYS A 339 -11.61 1.78 15.79
CA LYS A 339 -12.80 0.92 15.81
C LYS A 339 -14.14 1.68 15.89
N ASP A 340 -14.16 2.79 16.62
CA ASP A 340 -15.38 3.57 16.77
C ASP A 340 -15.83 4.26 15.46
N VAL A 341 -14.94 4.33 14.48
CA VAL A 341 -15.30 4.98 13.22
C VAL A 341 -16.41 4.22 12.47
N THR A 342 -16.40 2.89 12.54
CA THR A 342 -17.30 2.06 11.73
C THR A 342 -18.75 2.44 12.01
N ASN A 343 -19.08 2.48 13.30
CA ASN A 343 -20.40 2.82 13.79
C ASN A 343 -20.79 4.31 13.54
N PHE A 344 -19.83 5.21 13.71
CA PHE A 344 -20.03 6.62 13.46
C PHE A 344 -20.51 6.80 12.01
N VAL A 345 -19.80 6.18 11.06
CA VAL A 345 -20.13 6.28 9.64
C VAL A 345 -21.44 5.52 9.29
N ALA A 346 -21.56 4.28 9.75
CA ALA A 346 -22.72 3.45 9.41
C ALA A 346 -24.03 4.10 9.82
N THR A 347 -24.09 4.66 11.03
CA THR A 347 -25.34 5.30 11.53
C THR A 347 -25.69 6.54 10.72
N ALA A 348 -24.69 7.39 10.45
CA ALA A 348 -24.86 8.62 9.71
C ALA A 348 -25.33 8.27 8.30
N VAL A 349 -24.64 7.33 7.66
CA VAL A 349 -25.00 6.91 6.30
C VAL A 349 -26.46 6.38 6.26
N LYS A 350 -26.76 5.37 7.09
CA LYS A 350 -28.12 4.80 7.21
C LYS A 350 -29.20 5.88 7.36
N ASP A 351 -29.01 6.79 8.33
CA ASP A 351 -29.98 7.87 8.58
C ASP A 351 -30.16 8.85 7.41
N LEU A 352 -29.06 9.36 6.89
CA LEU A 352 -29.13 10.35 5.81
C LEU A 352 -29.60 9.75 4.50
N LEU A 353 -29.15 8.55 4.18
CA LEU A 353 -29.60 7.91 2.95
C LEU A 353 -31.10 7.56 3.07
N THR A 354 -31.53 7.15 4.28
CA THR A 354 -32.96 6.78 4.51
C THR A 354 -33.90 7.96 4.17
N ILE A 355 -33.58 9.13 4.71
CA ILE A 355 -34.24 10.39 4.35
C ILE A 355 -34.30 10.65 2.84
N TRP A 356 -33.15 10.50 2.16
CA TRP A 356 -33.10 10.63 0.74
C TRP A 356 -33.97 9.61 0.00
N LEU A 357 -33.89 8.33 0.38
CA LEU A 357 -34.63 7.31 -0.33
C LEU A 357 -36.13 7.57 -0.17
N ASN A 358 -36.52 8.02 1.03
CA ASN A 358 -37.93 8.34 1.33
C ASN A 358 -38.49 9.48 0.48
N GLN A 359 -37.66 10.49 0.22
CA GLN A 359 -38.03 11.64 -0.60
C GLN A 359 -37.88 11.37 -2.08
N ASN A 360 -37.25 10.26 -2.44
CA ASN A 360 -36.96 9.97 -3.86
C ASN A 360 -37.38 8.58 -4.35
N PRO A 361 -38.72 8.28 -4.29
CA PRO A 361 -39.16 6.92 -4.48
C PRO A 361 -38.89 6.37 -5.86
N ASP A 362 -38.91 7.20 -6.90
CA ASP A 362 -38.73 6.66 -8.25
C ASP A 362 -37.30 6.15 -8.44
N GLU A 363 -36.34 6.99 -8.11
CA GLU A 363 -34.94 6.53 -8.11
C GLU A 363 -34.72 5.46 -7.05
N ALA A 364 -35.35 5.56 -5.87
CA ALA A 364 -35.10 4.54 -4.84
C ALA A 364 -35.47 3.14 -5.32
N ARG A 365 -36.55 3.09 -6.09
CA ARG A 365 -37.03 1.82 -6.58
C ARG A 365 -36.08 1.25 -7.60
N GLN A 366 -35.50 2.08 -8.46
CA GLN A 366 -34.51 1.55 -9.44
C GLN A 366 -33.23 1.07 -8.80
N ILE A 367 -32.75 1.81 -7.79
CA ILE A 367 -31.58 1.40 -6.99
C ILE A 367 -31.82 0.02 -6.37
N VAL A 368 -33.00 -0.15 -5.75
CA VAL A 368 -33.33 -1.41 -5.09
C VAL A 368 -33.39 -2.54 -6.14
N GLU A 369 -34.03 -2.25 -7.27
CA GLU A 369 -34.09 -3.19 -8.39
C GLU A 369 -32.71 -3.62 -8.89
N ASN A 370 -31.81 -2.66 -9.05
CA ASN A 370 -30.47 -3.00 -9.53
C ASN A 370 -29.67 -3.84 -8.55
N ILE A 371 -29.83 -3.53 -7.25
CA ILE A 371 -29.18 -4.31 -6.20
C ILE A 371 -29.74 -5.75 -6.16
N SER A 372 -31.06 -5.86 -6.29
CA SER A 372 -31.70 -7.16 -6.23
C SER A 372 -31.25 -8.05 -7.39
N LYS A 373 -30.94 -7.43 -8.53
CA LYS A 373 -30.39 -8.16 -9.69
C LYS A 373 -28.92 -8.59 -9.52
N VAL A 374 -28.16 -7.80 -8.75
CA VAL A 374 -26.78 -8.18 -8.42
C VAL A 374 -26.85 -9.42 -7.54
N ALA A 375 -27.73 -9.37 -6.54
CA ALA A 375 -27.94 -10.48 -5.61
C ALA A 375 -28.41 -11.76 -6.33
N GLN A 376 -29.22 -11.59 -7.39
CA GLN A 376 -29.78 -12.71 -8.15
C GLN A 376 -28.75 -13.76 -8.63
N LYS A 377 -27.46 -13.38 -8.66
CA LYS A 377 -26.38 -14.33 -8.97
C LYS A 377 -25.39 -14.49 -7.82
N SER B 8 24.99 -31.01 9.49
CA SER B 8 25.30 -31.32 10.92
C SER B 8 24.07 -31.35 11.82
N ILE B 9 23.18 -30.39 11.63
CA ILE B 9 21.91 -30.35 12.32
C ILE B 9 20.81 -30.16 11.30
N GLU B 10 19.84 -31.07 11.31
CA GLU B 10 18.67 -30.98 10.43
C GLU B 10 17.41 -30.99 11.27
N VAL B 11 16.45 -30.17 10.90
CA VAL B 11 15.18 -30.04 11.62
C VAL B 11 14.00 -30.22 10.67
N LEU B 12 12.91 -30.78 11.19
CA LEU B 12 11.63 -30.92 10.50
C LEU B 12 10.46 -30.65 11.47
N THR B 13 9.56 -29.73 11.12
CA THR B 13 8.37 -29.41 11.96
C THR B 13 7.01 -29.44 11.25
N GLY B 14 5.91 -29.33 12.00
CA GLY B 14 4.58 -29.37 11.42
C GLY B 14 4.00 -28.11 10.74
N LEU B 15 4.76 -27.03 10.65
CA LEU B 15 4.20 -25.78 10.01
C LEU B 15 3.32 -24.87 10.92
N ASP B 16 2.74 -25.44 12.00
CA ASP B 16 2.03 -24.63 13.00
C ASP B 16 2.73 -23.30 13.26
N PRO B 17 4.08 -23.34 13.40
CA PRO B 17 4.88 -22.13 13.63
C PRO B 17 4.63 -21.04 12.59
N VAL B 18 4.50 -21.43 11.32
CA VAL B 18 4.28 -20.48 10.21
C VAL B 18 2.92 -19.84 10.33
N LYS B 19 1.92 -20.63 10.71
CA LYS B 19 0.56 -20.15 10.83
C LYS B 19 0.36 -19.15 11.98
N LYS B 20 1.22 -19.19 13.02
CA LYS B 20 1.09 -18.24 14.12
C LYS B 20 2.00 -17.01 14.09
N ARG B 21 3.14 -17.10 13.39
CA ARG B 21 3.99 -15.92 13.11
C ARG B 21 4.34 -15.75 11.60
N PRO B 22 3.30 -15.62 10.74
CA PRO B 22 3.47 -15.48 9.27
C PRO B 22 4.47 -14.43 8.88
N GLY B 23 4.47 -13.29 9.59
CA GLY B 23 5.42 -12.20 9.33
C GLY B 23 6.88 -12.54 9.55
N MET B 24 7.17 -13.65 10.24
CA MET B 24 8.57 -14.09 10.38
C MET B 24 9.03 -14.86 9.13
N TYR B 25 8.07 -15.37 8.36
CA TYR B 25 8.36 -16.23 7.20
C TYR B 25 8.16 -15.54 5.85
N THR B 26 7.26 -14.57 5.82
CA THR B 26 6.94 -13.86 4.58
C THR B 26 6.69 -12.37 4.88
N ASN B 27 6.62 -11.54 3.83
CA ASN B 27 6.07 -10.17 3.95
C ASN B 27 4.56 -10.28 3.79
N ILE B 28 3.87 -10.04 4.89
CA ILE B 28 2.42 -10.22 4.91
C ILE B 28 1.62 -9.06 4.28
N GLU B 29 2.30 -8.06 3.72
CA GLU B 29 1.58 -6.97 2.99
C GLU B 29 0.60 -7.49 1.93
N ASN B 30 1.07 -8.49 1.19
CA ASN B 30 0.31 -9.09 0.12
C ASN B 30 0.98 -10.47 -0.19
N PRO B 31 0.47 -11.22 -1.19
CA PRO B 31 1.06 -12.55 -1.38
C PRO B 31 2.28 -12.55 -2.26
N ASN B 32 2.80 -11.35 -2.58
CA ASN B 32 3.91 -11.27 -3.54
C ASN B 32 5.19 -12.04 -3.15
N HIS B 33 5.52 -12.03 -1.87
CA HIS B 33 6.67 -12.81 -1.40
C HIS B 33 6.49 -14.30 -1.53
N LEU B 34 5.27 -14.80 -1.25
CA LEU B 34 4.94 -16.19 -1.54
C LEU B 34 5.20 -16.58 -3.00
N ILE B 35 4.86 -15.68 -3.93
CA ILE B 35 5.13 -15.90 -5.34
C ILE B 35 6.65 -15.98 -5.51
N GLN B 36 7.37 -15.05 -4.88
CA GLN B 36 8.84 -15.02 -5.04
C GLN B 36 9.48 -16.31 -4.54
N GLU B 37 8.97 -16.86 -3.44
CA GLU B 37 9.47 -18.13 -2.90
C GLU B 37 9.34 -19.27 -3.93
N ILE B 38 8.17 -19.41 -4.55
CA ILE B 38 7.99 -20.39 -5.62
C ILE B 38 8.91 -20.10 -6.81
N ILE B 39 8.98 -18.84 -7.23
CA ILE B 39 9.87 -18.44 -8.32
C ILE B 39 11.34 -18.78 -7.99
N ASP B 40 11.75 -18.54 -6.75
CA ASP B 40 13.12 -18.86 -6.33
C ASP B 40 13.39 -20.37 -6.42
N ASN B 41 12.39 -21.20 -6.11
CA ASN B 41 12.41 -22.66 -6.26
C ASN B 41 12.75 -23.04 -7.71
N SER B 42 12.10 -22.37 -8.68
CA SER B 42 12.33 -22.63 -10.11
C SER B 42 13.67 -22.12 -10.55
N VAL B 43 14.05 -20.98 -9.99
CA VAL B 43 15.31 -20.34 -10.33
C VAL B 43 16.52 -21.21 -9.98
N ASP B 44 16.45 -21.94 -8.87
CA ASP B 44 17.43 -22.96 -8.51
C ASP B 44 17.67 -23.94 -9.68
N GLU B 45 16.59 -24.41 -10.30
CA GLU B 45 16.69 -25.30 -11.45
C GLU B 45 17.31 -24.62 -12.65
N VAL B 46 16.99 -23.34 -12.87
CA VAL B 46 17.59 -22.58 -13.97
C VAL B 46 19.09 -22.46 -13.76
N LEU B 47 19.49 -22.09 -12.54
CA LEU B 47 20.90 -21.96 -12.19
C LEU B 47 21.61 -23.32 -12.16
N ALA B 48 20.88 -24.39 -11.88
CA ALA B 48 21.42 -25.74 -11.94
C ALA B 48 21.65 -26.22 -13.39
N GLY B 49 21.08 -25.49 -14.35
CA GLY B 49 21.25 -25.78 -15.76
C GLY B 49 20.13 -26.61 -16.34
N PHE B 50 19.11 -26.90 -15.52
CA PHE B 50 18.03 -27.79 -15.94
C PHE B 50 16.72 -27.15 -16.37
N ALA B 51 16.63 -25.81 -16.34
CA ALA B 51 15.39 -25.11 -16.73
C ALA B 51 15.69 -23.87 -17.56
N SER B 52 14.72 -23.45 -18.38
CA SER B 52 14.90 -22.34 -19.31
C SER B 52 13.65 -21.45 -19.37
N LYS B 53 12.61 -21.89 -18.67
CA LYS B 53 11.32 -21.23 -18.78
C LYS B 53 10.68 -21.15 -17.40
N ILE B 54 10.11 -19.99 -17.09
CA ILE B 54 9.24 -19.85 -15.91
C ILE B 54 8.01 -19.10 -16.32
N ASN B 55 6.83 -19.71 -16.17
CA ASN B 55 5.59 -19.07 -16.56
C ASN B 55 4.73 -18.81 -15.32
N ILE B 56 4.22 -17.58 -15.22
CA ILE B 56 3.38 -17.14 -14.11
C ILE B 56 2.00 -16.73 -14.63
N THR B 57 0.97 -17.24 -13.95
CA THR B 57 -0.41 -16.87 -14.23
C THR B 57 -1.05 -16.37 -12.96
N LEU B 58 -1.71 -15.21 -13.07
CA LEU B 58 -2.56 -14.68 -12.03
C LEU B 58 -4.00 -14.84 -12.43
N TYR B 59 -4.74 -15.59 -11.61
CA TYR B 59 -6.13 -15.89 -11.87
C TYR B 59 -7.08 -14.93 -11.20
N GLU B 60 -8.32 -14.97 -11.70
CA GLU B 60 -9.36 -14.07 -11.25
C GLU B 60 -9.83 -14.44 -9.85
N ASP B 61 -9.56 -15.67 -9.41
CA ASP B 61 -9.87 -16.07 -8.03
C ASP B 61 -8.76 -15.65 -7.05
N ASN B 62 -7.80 -14.88 -7.56
CA ASN B 62 -6.64 -14.44 -6.78
C ASN B 62 -5.58 -15.49 -6.49
N SER B 63 -5.67 -16.63 -7.19
CA SER B 63 -4.64 -17.68 -7.08
C SER B 63 -3.51 -17.35 -8.01
N ILE B 64 -2.37 -17.99 -7.75
CA ILE B 64 -1.15 -17.71 -8.48
C ILE B 64 -0.60 -19.09 -8.89
N GLU B 65 -0.28 -19.21 -10.17
CA GLU B 65 0.39 -20.41 -10.67
C GLU B 65 1.76 -20.07 -11.24
N VAL B 66 2.76 -20.92 -10.92
CA VAL B 66 4.13 -20.80 -11.42
C VAL B 66 4.53 -22.17 -12.00
N ALA B 67 5.05 -22.19 -13.24
CA ALA B 67 5.39 -23.46 -13.91
C ALA B 67 6.81 -23.37 -14.48
N ASP B 68 7.59 -24.45 -14.39
CA ASP B 68 8.92 -24.39 -14.96
C ASP B 68 9.14 -25.64 -15.83
N ASP B 69 10.25 -25.64 -16.56
CA ASP B 69 10.58 -26.80 -17.38
C ASP B 69 11.81 -27.51 -16.81
N GLY B 70 11.92 -27.52 -15.48
CA GLY B 70 13.03 -28.17 -14.80
C GLY B 70 12.83 -29.67 -14.74
N ARG B 71 13.58 -30.35 -13.89
CA ARG B 71 13.57 -31.82 -13.82
C ARG B 71 12.30 -32.34 -13.21
N GLY B 72 11.53 -31.48 -12.53
CA GLY B 72 10.34 -31.94 -11.84
C GLY B 72 10.74 -32.28 -10.43
N MET B 73 10.00 -31.76 -9.44
CA MET B 73 10.32 -32.03 -8.05
C MET B 73 10.21 -33.54 -7.73
N PRO B 74 11.11 -34.06 -6.86
CA PRO B 74 11.16 -35.49 -6.50
C PRO B 74 9.83 -36.01 -5.95
N VAL B 75 9.45 -37.20 -6.40
CA VAL B 75 8.30 -37.90 -5.87
C VAL B 75 8.68 -39.19 -5.12
N ASP B 76 9.96 -39.59 -5.24
CA ASP B 76 10.50 -40.74 -4.50
C ASP B 76 10.11 -40.73 -3.03
N ILE B 77 9.90 -41.91 -2.47
CA ILE B 77 9.51 -42.05 -1.06
C ILE B 77 10.73 -41.94 -0.17
N HIS B 78 10.66 -41.05 0.82
CA HIS B 78 11.74 -40.92 1.78
C HIS B 78 11.70 -42.11 2.72
N PRO B 79 12.86 -42.79 2.89
CA PRO B 79 13.00 -43.98 3.73
C PRO B 79 13.22 -43.67 5.23
N GLU B 80 12.24 -42.99 5.82
CA GLU B 80 12.22 -42.61 7.23
C GLU B 80 10.91 -41.87 7.48
N HIS B 81 10.62 -40.91 6.61
CA HIS B 81 9.43 -40.09 6.79
C HIS B 81 8.24 -40.69 6.11
N LYS B 82 8.46 -41.80 5.38
CA LYS B 82 7.38 -42.58 4.74
C LYS B 82 6.54 -41.69 3.84
N MET B 83 7.21 -40.88 3.03
CA MET B 83 6.56 -39.76 2.37
C MET B 83 7.26 -39.42 1.06
N SER B 84 6.48 -39.23 0.00
CA SER B 84 7.03 -38.74 -1.28
C SER B 84 7.83 -37.46 -1.01
N GLY B 85 8.86 -37.24 -1.82
CA GLY B 85 9.70 -36.06 -1.73
C GLY B 85 8.88 -34.77 -1.74
N ILE B 86 7.85 -34.74 -2.58
CA ILE B 86 7.05 -33.53 -2.72
C ILE B 86 6.25 -33.24 -1.45
N GLU B 87 5.46 -34.22 -1.00
CA GLU B 87 4.64 -34.05 0.21
C GLU B 87 5.53 -33.64 1.38
N LEU B 88 6.72 -34.25 1.45
CA LEU B 88 7.72 -33.90 2.46
C LEU B 88 8.12 -32.42 2.40
N ILE B 89 8.62 -31.98 1.24
CA ILE B 89 8.96 -30.58 0.99
C ILE B 89 7.80 -29.60 1.28
N MET B 90 6.57 -30.02 1.00
CA MET B 90 5.39 -29.17 1.11
C MET B 90 4.78 -29.11 2.50
N THR B 91 5.01 -30.15 3.28
CA THR B 91 4.39 -30.28 4.60
C THR B 91 5.36 -30.01 5.79
N LYS B 92 6.64 -29.76 5.54
CA LYS B 92 7.58 -29.53 6.66
C LYS B 92 8.52 -28.36 6.45
N LEU B 93 8.96 -27.75 7.55
CA LEU B 93 10.07 -26.80 7.52
C LEU B 93 11.37 -27.56 7.63
N HIS B 94 12.25 -27.40 6.65
CA HIS B 94 13.47 -28.17 6.56
C HIS B 94 14.68 -27.38 6.95
N SER B 95 14.59 -26.63 8.04
CA SER B 95 15.74 -25.87 8.52
C SER B 95 16.96 -26.77 8.76
N GLY B 96 18.14 -26.16 8.79
CA GLY B 96 19.37 -26.89 8.98
C GLY B 96 20.60 -26.01 8.94
N GLY B 97 21.47 -26.16 9.94
CA GLY B 97 22.69 -25.38 10.01
C GLY B 97 23.86 -26.27 10.35
N LYS B 98 25.02 -25.66 10.57
CA LYS B 98 26.15 -26.38 11.13
C LYS B 98 26.09 -26.31 12.64
N PHE B 99 25.48 -25.25 13.15
CA PHE B 99 25.23 -25.05 14.59
C PHE B 99 23.89 -24.35 14.79
N SER B 100 23.29 -24.50 15.97
CA SER B 100 21.94 -23.95 16.23
C SER B 100 21.94 -22.44 16.50
N VAL B 113 13.89 -20.28 3.14
CA VAL B 113 13.29 -21.11 4.19
C VAL B 113 12.53 -22.31 3.61
N GLY B 114 11.75 -22.07 2.56
CA GLY B 114 11.10 -23.16 1.84
C GLY B 114 9.68 -22.95 1.39
N VAL B 115 9.29 -23.73 0.39
CA VAL B 115 7.97 -23.67 -0.19
C VAL B 115 6.87 -24.19 0.72
N SER B 116 7.23 -24.85 1.83
CA SER B 116 6.20 -25.26 2.76
C SER B 116 5.52 -24.00 3.39
N VAL B 117 6.27 -22.91 3.42
CA VAL B 117 5.70 -21.59 3.86
C VAL B 117 4.49 -21.23 2.99
N VAL B 118 4.65 -21.36 1.67
CA VAL B 118 3.57 -21.04 0.77
C VAL B 118 2.37 -21.94 1.02
N ASN B 119 2.65 -23.22 1.24
CA ASN B 119 1.60 -24.20 1.42
C ASN B 119 0.84 -23.89 2.73
N ALA B 120 1.61 -23.62 3.79
CA ALA B 120 1.04 -23.30 5.12
C ALA B 120 0.02 -22.14 5.05
N LEU B 121 0.33 -21.13 4.25
CA LEU B 121 -0.41 -19.86 4.26
C LEU B 121 -1.42 -19.80 3.13
N SER B 122 -1.67 -20.94 2.51
CA SER B 122 -2.65 -21.04 1.45
C SER B 122 -3.77 -21.99 1.87
N THR B 123 -5.00 -21.64 1.51
CA THR B 123 -6.14 -22.51 1.77
C THR B 123 -6.16 -23.72 0.84
N ARG B 124 -5.40 -23.62 -0.26
CA ARG B 124 -5.30 -24.70 -1.25
C ARG B 124 -3.98 -24.52 -1.98
N LEU B 125 -3.29 -25.64 -2.21
CA LEU B 125 -2.20 -25.68 -3.16
C LEU B 125 -2.26 -27.00 -3.97
N GLU B 126 -2.14 -26.87 -5.28
CA GLU B 126 -2.00 -28.02 -6.17
C GLU B 126 -0.62 -28.01 -6.79
N ALA B 127 -0.02 -29.21 -6.91
CA ALA B 127 1.28 -29.38 -7.55
C ALA B 127 1.12 -30.39 -8.69
N GLU B 128 1.65 -30.06 -9.85
CA GLU B 128 1.69 -31.02 -10.97
C GLU B 128 3.13 -31.16 -11.41
N ILE B 129 3.66 -32.41 -11.35
CA ILE B 129 5.06 -32.69 -11.67
C ILE B 129 5.10 -33.63 -12.88
N LYS B 130 5.91 -33.25 -13.86
CA LYS B 130 6.14 -34.10 -15.03
C LYS B 130 7.54 -34.62 -14.84
N ARG B 131 7.65 -35.94 -14.68
CA ARG B 131 8.95 -36.55 -14.39
C ARG B 131 8.87 -38.04 -14.75
N ASP B 132 9.90 -38.60 -15.37
CA ASP B 132 9.88 -40.06 -15.73
C ASP B 132 8.71 -40.44 -16.65
N GLY B 133 8.26 -39.49 -17.46
CA GLY B 133 7.14 -39.73 -18.37
C GLY B 133 5.78 -39.84 -17.70
N ASN B 134 5.72 -39.55 -16.39
CA ASN B 134 4.45 -39.51 -15.63
C ASN B 134 4.09 -38.07 -15.26
N VAL B 135 2.80 -37.79 -15.23
CA VAL B 135 2.30 -36.50 -14.76
C VAL B 135 1.69 -36.77 -13.39
N TYR B 136 2.37 -36.29 -12.35
CA TYR B 136 1.93 -36.50 -10.97
C TYR B 136 1.15 -35.29 -10.49
N HIS B 137 0.10 -35.57 -9.71
CA HIS B 137 -0.74 -34.54 -9.10
C HIS B 137 -0.92 -34.81 -7.62
N ILE B 138 -0.91 -33.75 -6.82
CA ILE B 138 -1.14 -33.79 -5.37
C ILE B 138 -1.75 -32.44 -4.92
N VAL B 139 -2.65 -32.49 -3.94
CA VAL B 139 -3.42 -31.32 -3.51
C VAL B 139 -3.29 -31.23 -2.01
N PHE B 140 -2.99 -30.03 -1.53
CA PHE B 140 -2.89 -29.77 -0.10
C PHE B 140 -3.92 -28.71 0.24
N GLU B 141 -4.36 -28.72 1.50
CA GLU B 141 -5.23 -27.66 2.04
C GLU B 141 -4.74 -27.22 3.41
N ASP B 142 -4.66 -25.90 3.59
CA ASP B 142 -4.11 -25.32 4.80
C ASP B 142 -2.83 -26.04 5.24
N GLY B 143 -2.05 -26.52 4.26
CA GLY B 143 -0.76 -27.07 4.58
C GLY B 143 -0.74 -28.58 4.82
N PHE B 144 -1.87 -29.26 4.66
CA PHE B 144 -1.91 -30.72 4.82
C PHE B 144 -2.36 -31.35 3.52
N LYS B 145 -1.78 -32.51 3.19
CA LYS B 145 -2.21 -33.28 2.02
C LYS B 145 -3.67 -33.69 2.15
N THR B 146 -4.45 -33.42 1.11
CA THR B 146 -5.88 -33.77 1.10
C THR B 146 -6.24 -34.65 -0.10
N LYS B 147 -5.35 -34.72 -1.08
CA LYS B 147 -5.47 -35.68 -2.16
C LYS B 147 -4.13 -36.36 -2.38
N ASP B 148 -4.16 -37.69 -2.45
CA ASP B 148 -2.97 -38.50 -2.62
C ASP B 148 -2.25 -38.17 -3.91
N LEU B 149 -0.93 -38.22 -3.84
CA LEU B 149 -0.08 -38.18 -5.02
C LEU B 149 -0.53 -39.28 -5.96
N GLU B 150 -0.86 -38.92 -7.18
CA GLU B 150 -1.24 -39.92 -8.17
C GLU B 150 -0.77 -39.55 -9.57
N ILE B 151 -0.44 -40.57 -10.35
CA ILE B 151 -0.14 -40.38 -11.77
C ILE B 151 -1.44 -40.16 -12.53
N ILE B 152 -1.62 -38.99 -13.14
CA ILE B 152 -2.88 -38.66 -13.83
C ILE B 152 -2.82 -38.72 -15.36
N ASP B 153 -1.61 -38.82 -15.92
CA ASP B 153 -1.44 -38.89 -17.36
C ASP B 153 0.00 -39.30 -17.66
N ASN B 154 0.29 -39.50 -18.94
CA ASN B 154 1.64 -39.78 -19.37
C ASN B 154 2.10 -38.77 -20.39
N VAL B 155 3.42 -38.68 -20.52
CA VAL B 155 4.10 -37.60 -21.16
C VAL B 155 5.45 -38.20 -21.65
N GLY B 156 6.08 -37.60 -22.66
CA GLY B 156 7.43 -38.03 -23.05
C GLY B 156 8.42 -37.90 -21.89
N LYS B 157 9.39 -38.79 -21.81
CA LYS B 157 10.35 -38.74 -20.69
C LYS B 157 11.05 -37.39 -20.60
N LYS B 158 11.24 -36.71 -21.73
CA LYS B 158 11.97 -35.46 -21.76
C LYS B 158 11.04 -34.25 -21.51
N ASN B 159 9.76 -34.53 -21.30
CA ASN B 159 8.81 -33.49 -21.02
C ASN B 159 8.67 -33.39 -19.49
N THR B 160 9.49 -32.51 -18.92
CA THR B 160 9.64 -32.41 -17.46
C THR B 160 9.23 -31.03 -16.95
N GLY B 161 8.89 -30.95 -15.66
CA GLY B 161 8.75 -29.63 -15.03
C GLY B 161 7.92 -29.69 -13.75
N THR B 162 7.77 -28.55 -13.10
CA THR B 162 6.91 -28.47 -11.92
C THR B 162 6.00 -27.25 -12.11
N LYS B 163 4.73 -27.43 -11.76
CA LYS B 163 3.69 -26.40 -11.83
C LYS B 163 2.93 -26.40 -10.48
N ILE B 164 2.92 -25.24 -9.82
CA ILE B 164 2.32 -25.10 -8.51
C ILE B 164 1.32 -23.97 -8.60
N ARG B 165 0.06 -24.24 -8.26
CA ARG B 165 -0.96 -23.22 -8.14
C ARG B 165 -1.38 -23.13 -6.68
N PHE B 166 -1.40 -21.93 -6.13
CA PHE B 166 -1.71 -21.76 -4.69
C PHE B 166 -2.68 -20.61 -4.48
N TRP B 167 -3.49 -20.72 -3.42
CA TRP B 167 -4.58 -19.80 -3.12
C TRP B 167 -4.31 -19.26 -1.76
N PRO B 168 -3.64 -18.07 -1.66
CA PRO B 168 -3.23 -17.51 -0.36
C PRO B 168 -4.43 -17.31 0.57
N ASN B 169 -4.22 -17.56 1.85
CA ASN B 169 -5.30 -17.57 2.83
C ASN B 169 -5.48 -16.14 3.35
N LYS B 170 -6.66 -15.56 3.13
CA LYS B 170 -6.91 -14.15 3.52
C LYS B 170 -6.60 -13.87 4.99
N LYS B 171 -6.58 -14.93 5.78
CA LYS B 171 -6.35 -14.86 7.20
C LYS B 171 -4.98 -14.29 7.56
N TYR B 172 -3.99 -14.54 6.70
CA TYR B 172 -2.63 -14.17 7.02
C TYR B 172 -2.16 -12.91 6.33
N PHE B 173 -2.96 -12.36 5.40
CA PHE B 173 -2.46 -11.25 4.56
C PHE B 173 -3.23 -9.93 4.71
N ASP B 174 -2.53 -8.81 4.67
CA ASP B 174 -3.17 -7.50 4.70
C ASP B 174 -4.08 -7.34 3.49
N ASP B 175 -3.59 -7.74 2.31
CA ASP B 175 -4.33 -7.65 1.08
C ASP B 175 -4.04 -8.98 0.36
N ILE B 176 -5.04 -9.71 -0.08
CA ILE B 176 -4.74 -10.93 -0.86
C ILE B 176 -4.56 -10.68 -2.34
N LYS B 177 -4.72 -9.43 -2.76
CA LYS B 177 -4.49 -9.09 -4.16
C LYS B 177 -3.01 -8.93 -4.42
N VAL B 178 -2.54 -9.62 -5.47
CA VAL B 178 -1.15 -9.52 -5.89
C VAL B 178 -0.87 -8.09 -6.34
N ASN B 179 0.30 -7.56 -6.00
CA ASN B 179 0.77 -6.30 -6.54
C ASN B 179 1.40 -6.49 -7.92
N PHE B 180 0.63 -6.18 -8.97
CA PHE B 180 1.05 -6.47 -10.35
C PHE B 180 2.33 -5.78 -10.74
N LYS B 181 2.42 -4.51 -10.40
CA LYS B 181 3.58 -3.69 -10.75
C LYS B 181 4.84 -4.22 -10.09
N ALA B 182 4.75 -4.55 -8.80
CA ALA B 182 5.88 -5.12 -8.07
C ALA B 182 6.30 -6.47 -8.65
N LEU B 183 5.33 -7.31 -8.98
CA LEU B 183 5.62 -8.62 -9.62
C LEU B 183 6.32 -8.41 -10.97
N LYS B 184 5.74 -7.57 -11.84
CA LYS B 184 6.37 -7.26 -13.14
C LYS B 184 7.81 -6.74 -12.99
N ASN B 185 8.05 -5.84 -12.02
CA ASN B 185 9.41 -5.39 -11.76
C ASN B 185 10.38 -6.49 -11.34
N LEU B 186 9.91 -7.41 -10.50
CA LEU B 186 10.76 -8.50 -10.01
C LEU B 186 11.04 -9.47 -11.17
N LEU B 187 10.02 -9.77 -11.99
CA LEU B 187 10.22 -10.68 -13.13
C LEU B 187 11.23 -10.09 -14.14
N GLU B 188 11.02 -8.84 -14.52
CA GLU B 188 11.99 -8.17 -15.39
C GLU B 188 13.41 -8.28 -14.86
N ALA B 189 13.59 -7.96 -13.57
CA ALA B 189 14.90 -8.00 -12.96
C ALA B 189 15.52 -9.40 -12.97
N LYS B 190 14.70 -10.43 -12.83
CA LYS B 190 15.20 -11.81 -12.94
C LYS B 190 15.75 -12.11 -14.35
N ALA B 191 15.00 -11.72 -15.37
CA ALA B 191 15.32 -12.08 -16.76
C ALA B 191 16.61 -11.40 -17.26
N ILE B 192 16.73 -10.08 -17.07
CA ILE B 192 17.95 -9.37 -17.48
C ILE B 192 19.24 -9.94 -16.87
N LEU B 193 19.12 -10.66 -15.75
CA LEU B 193 20.29 -11.29 -15.14
C LEU B 193 20.51 -12.73 -15.56
N CYS B 194 19.75 -13.21 -16.54
CA CYS B 194 19.83 -14.62 -16.94
C CYS B 194 19.39 -14.81 -18.38
N LYS B 195 20.35 -14.71 -19.31
CA LYS B 195 20.07 -14.81 -20.75
C LYS B 195 19.44 -16.16 -21.15
N ALA B 196 19.71 -17.19 -20.34
CA ALA B 196 19.17 -18.54 -20.53
C ALA B 196 17.65 -18.66 -20.26
N LEU B 197 17.09 -17.69 -19.54
CA LEU B 197 15.69 -17.76 -19.05
C LEU B 197 14.72 -16.94 -19.90
N THR B 198 13.51 -17.48 -20.09
CA THR B 198 12.41 -16.74 -20.69
C THR B 198 11.28 -16.81 -19.68
N ILE B 199 10.75 -15.65 -19.29
CA ILE B 199 9.65 -15.58 -18.32
C ILE B 199 8.39 -15.11 -19.00
N LYS B 200 7.32 -15.87 -18.83
CA LYS B 200 6.03 -15.44 -19.32
C LYS B 200 5.16 -15.10 -18.11
N TYR B 201 4.29 -14.11 -18.33
CA TYR B 201 3.42 -13.56 -17.29
C TYR B 201 2.08 -13.33 -17.93
N SER B 202 1.07 -13.90 -17.31
CA SER B 202 -0.29 -13.81 -17.75
C SER B 202 -1.19 -13.41 -16.59
N ASN B 203 -1.67 -12.17 -16.72
CA ASN B 203 -2.59 -11.62 -15.77
C ASN B 203 -4.00 -11.70 -16.30
N GLU B 204 -4.76 -12.66 -15.78
CA GLU B 204 -6.12 -12.89 -16.27
C GLU B 204 -7.12 -11.90 -15.68
N ILE B 205 -6.69 -11.16 -14.66
CA ILE B 205 -7.54 -10.12 -14.09
C ILE B 205 -7.60 -8.92 -15.05
N LYS B 206 -6.45 -8.51 -15.55
CA LYS B 206 -6.37 -7.33 -16.41
C LYS B 206 -6.24 -7.67 -17.90
N LYS B 207 -6.41 -8.97 -18.22
CA LYS B 207 -6.25 -9.48 -19.59
C LYS B 207 -4.95 -8.96 -20.20
N GLU B 208 -3.84 -9.43 -19.64
CA GLU B 208 -2.54 -8.90 -19.99
C GLU B 208 -1.53 -10.05 -20.02
N LYS B 209 -0.64 -10.03 -21.03
CA LYS B 209 0.44 -11.01 -21.14
C LYS B 209 1.75 -10.35 -21.46
N LEU B 210 2.79 -10.83 -20.81
CA LEU B 210 4.12 -10.36 -21.03
C LEU B 210 5.10 -11.52 -21.18
N THR B 211 6.16 -11.27 -21.92
CA THR B 211 7.24 -12.20 -22.09
C THR B 211 8.51 -11.41 -21.99
N TRP B 212 9.40 -11.83 -21.10
CA TRP B 212 10.72 -11.26 -21.02
C TRP B 212 11.72 -12.30 -21.44
N HIS B 213 12.55 -11.96 -22.40
CA HIS B 213 13.78 -12.70 -22.65
C HIS B 213 14.88 -11.78 -23.11
N PHE B 214 15.93 -11.71 -22.31
CA PHE B 214 17.04 -10.78 -22.53
C PHE B 214 18.25 -11.50 -23.09
N GLU B 215 18.21 -11.70 -24.42
CA GLU B 215 19.28 -12.33 -25.15
C GLU B 215 20.61 -11.61 -24.88
N THR B 216 20.62 -10.30 -25.09
CA THR B 216 21.82 -9.48 -24.83
C THR B 216 22.10 -9.32 -23.33
N GLY B 217 21.06 -9.53 -22.51
CA GLY B 217 21.19 -9.53 -21.05
C GLY B 217 21.19 -8.13 -20.46
N LEU B 218 22.27 -7.81 -19.72
CA LEU B 218 22.44 -6.49 -19.12
C LEU B 218 22.83 -5.35 -20.08
N LYS B 219 22.84 -5.64 -21.39
CA LYS B 219 23.34 -4.69 -22.41
C LYS B 219 22.32 -3.63 -22.79
N GLY B 220 22.73 -2.37 -22.65
CA GLY B 220 21.87 -1.23 -22.99
C GLY B 220 21.00 -0.77 -21.83
N TYR B 221 21.18 -1.42 -20.68
CA TYR B 221 20.36 -1.16 -19.49
C TYR B 221 20.59 0.25 -18.95
N LEU B 222 21.83 0.54 -18.55
CA LEU B 222 22.25 1.87 -18.09
C LEU B 222 21.88 3.00 -19.06
N ASP B 223 21.90 2.69 -20.36
CA ASP B 223 21.55 3.62 -21.42
C ASP B 223 20.08 4.04 -21.40
N HIS B 224 19.19 3.08 -21.20
CA HIS B 224 17.74 3.36 -21.17
C HIS B 224 17.34 4.15 -19.95
N LYS B 225 18.02 3.92 -18.83
CA LYS B 225 17.59 4.48 -17.55
C LYS B 225 18.24 5.81 -17.15
N LEU B 226 19.42 6.11 -17.70
CA LEU B 226 20.09 7.35 -17.32
C LEU B 226 19.70 8.54 -18.23
N GLU B 227 20.03 8.45 -19.52
CA GLU B 227 19.86 9.56 -20.49
C GLU B 227 20.64 10.87 -20.17
N ALA B 228 21.51 10.81 -19.17
CA ALA B 228 22.65 11.71 -19.07
C ALA B 228 23.83 10.99 -19.75
N GLU B 229 24.79 11.77 -20.27
CA GLU B 229 25.99 11.19 -20.90
C GLU B 229 26.77 10.34 -19.91
N THR B 230 27.38 9.26 -20.42
CA THR B 230 28.11 8.30 -19.60
C THR B 230 29.58 8.15 -20.07
N LEU B 231 30.44 7.70 -19.17
CA LEU B 231 31.83 7.38 -19.52
C LEU B 231 32.20 5.96 -19.04
N PRO B 232 32.55 5.05 -19.98
CA PRO B 232 32.57 5.21 -21.43
C PRO B 232 31.17 5.13 -22.05
N ALA B 233 30.83 6.11 -22.88
CA ALA B 233 29.48 6.24 -23.47
C ALA B 233 28.97 4.99 -24.17
N SER B 261 20.65 7.66 -10.43
CA SER B 261 21.80 6.76 -10.50
C SER B 261 21.48 5.33 -10.04
N ILE B 262 21.94 4.36 -10.84
CA ILE B 262 21.68 2.93 -10.61
C ILE B 262 22.91 2.24 -9.99
N LYS B 263 22.74 1.68 -8.79
CA LYS B 263 23.80 0.90 -8.09
C LYS B 263 23.23 -0.32 -7.31
N ASN B 264 23.15 -1.49 -7.97
CA ASN B 264 22.46 -2.66 -7.42
C ASN B 264 23.31 -3.93 -7.26
N SER B 265 23.04 -4.72 -6.22
CA SER B 265 23.75 -6.00 -5.98
C SER B 265 22.82 -7.19 -5.75
N TYR B 266 23.23 -8.37 -6.23
CA TYR B 266 22.40 -9.59 -6.21
C TYR B 266 23.12 -10.83 -5.66
N ASN B 268 22.33 -14.93 -6.21
CA ASN B 268 21.66 -15.94 -7.03
C ASN B 268 20.37 -15.37 -7.63
N LEU B 269 20.49 -14.24 -8.32
CA LEU B 269 19.34 -13.48 -8.88
C LEU B 269 18.41 -12.86 -7.81
N ILE B 270 18.84 -12.93 -6.54
CA ILE B 270 18.13 -12.35 -5.38
C ILE B 270 18.88 -11.09 -4.87
N PRO B 271 18.19 -9.94 -4.81
CA PRO B 271 18.79 -8.66 -4.39
C PRO B 271 19.41 -8.71 -2.99
N THR B 272 20.62 -8.18 -2.86
CA THR B 272 21.30 -8.00 -1.57
C THR B 272 21.45 -6.51 -1.22
N PRO B 273 20.57 -5.98 -0.36
CA PRO B 273 20.76 -4.58 0.10
C PRO B 273 21.91 -4.43 1.10
#